data_3COW
#
_entry.id   3COW
#
_cell.length_a   48.42
_cell.length_b   71.24
_cell.length_c   81.81
_cell.angle_alpha   90.00
_cell.angle_beta   99.46
_cell.angle_gamma   90.00
#
_symmetry.space_group_name_H-M   'P 1 21 1'
#
loop_
_entity.id
_entity.type
_entity.pdbx_description
1 polymer 'Pantothenate synthetase'
2 non-polymer "5'-O-{[(2R)-2-hydroxy-3,3-dimethylbutanoyl]sulfamoyl}adenosine"
3 non-polymer GLYCEROL
4 non-polymer ETHANOL
5 water water
#
_entity_poly.entity_id   1
_entity_poly.type   'polypeptide(L)'
_entity_poly.pdbx_seq_one_letter_code
;AMAIPAFHPGELNVYSAPGDVADVSRALRLTGRRVMLVPTMGALHEGHLALVRAAKRVPGSVVVVSIFVNPMQFGAGGDL
DAYPRTPDDDLAQLRAEGVEIAFTPTTAAMYPDGLRTTVQPGPLAAELEGGPRPTHFAGVLTVVLKLLQIVRPDRVFFGE
KDYQQLVLIRQLVADFNLDVAVVGVPTVREADGLAMSSRNRYLDPAQRAAAVALSAALTAAAHAATAGAQAALDAARAVL
DAAPGVAVDYLELRDIGLGPMPLNGSGRLLVAARLGTTRLLDNIAIEIGTFAGTDRPDGYR
;
_entity_poly.pdbx_strand_id   A,B
#
# COMPACT_ATOMS: atom_id res chain seq x y z
N ILE A 4 -25.11 -2.22 -2.34
CA ILE A 4 -25.28 -1.13 -3.35
C ILE A 4 -26.40 -0.16 -2.92
N PRO A 5 -26.06 1.13 -2.73
CA PRO A 5 -27.08 2.16 -2.54
C PRO A 5 -27.52 2.78 -3.87
N ALA A 6 -28.40 3.77 -3.80
CA ALA A 6 -28.92 4.42 -5.02
C ALA A 6 -27.88 5.25 -5.76
N PHE A 7 -27.82 5.03 -7.08
CA PHE A 7 -27.08 5.90 -8.00
C PHE A 7 -28.00 6.46 -9.06
N HIS A 8 -28.14 7.78 -9.10
CA HIS A 8 -28.94 8.44 -10.14
C HIS A 8 -28.03 9.12 -11.16
N PRO A 9 -28.00 8.60 -12.42
CA PRO A 9 -27.14 9.19 -13.44
C PRO A 9 -27.60 10.57 -13.88
N GLY A 10 -26.68 11.33 -14.45
CA GLY A 10 -26.94 12.73 -14.80
C GLY A 10 -27.09 13.65 -13.61
N GLU A 11 -26.90 13.11 -12.41
CA GLU A 11 -27.05 13.85 -11.16
C GLU A 11 -25.84 13.63 -10.26
N LEU A 12 -25.57 14.58 -9.39
CA LEU A 12 -24.50 14.41 -8.39
C LEU A 12 -25.04 13.55 -7.25
N ASN A 13 -24.36 12.43 -7.04
CA ASN A 13 -24.62 11.49 -5.98
C ASN A 13 -23.50 11.64 -4.96
N VAL A 14 -23.85 11.94 -3.71
CA VAL A 14 -22.86 12.13 -2.65
C VAL A 14 -22.88 10.95 -1.68
N TYR A 15 -21.72 10.29 -1.55
CA TYR A 15 -21.57 9.15 -0.62
C TYR A 15 -20.49 9.45 0.38
N SER A 16 -20.79 9.19 1.66
CA SER A 16 -19.79 9.37 2.71
C SER A 16 -19.15 8.05 3.12
N ALA A 17 -19.91 6.96 3.08
CA ALA A 17 -19.39 5.66 3.55
C ALA A 17 -18.49 5.02 2.50
N PRO A 18 -17.26 4.63 2.88
CA PRO A 18 -16.40 3.97 1.87
C PRO A 18 -17.11 2.79 1.18
N GLY A 19 -17.84 2.00 1.98
CA GLY A 19 -18.56 0.83 1.44
C GLY A 19 -19.56 1.24 0.36
N ASP A 20 -20.20 2.39 0.55
CA ASP A 20 -21.20 2.88 -0.40
C ASP A 20 -20.57 3.19 -1.76
N VAL A 21 -19.51 3.99 -1.78
CA VAL A 21 -18.87 4.31 -3.04
C VAL A 21 -18.19 3.09 -3.68
N ALA A 22 -17.65 2.21 -2.85
CA ALA A 22 -17.02 1.00 -3.35
C ALA A 22 -18.08 0.17 -4.09
N ASP A 23 -19.23 0.00 -3.46
CA ASP A 23 -20.31 -0.82 -4.04
C ASP A 23 -20.81 -0.24 -5.35
N VAL A 24 -20.94 1.09 -5.40
CA VAL A 24 -21.48 1.78 -6.57
C VAL A 24 -20.44 1.74 -7.69
N SER A 25 -19.18 2.00 -7.35
CA SER A 25 -18.09 1.93 -8.31
C SER A 25 -18.04 0.54 -8.99
N ARG A 26 -18.06 -0.51 -8.17
CA ARG A 26 -18.05 -1.89 -8.62
C ARG A 26 -19.23 -2.16 -9.53
N ALA A 27 -20.43 -1.73 -9.13
CA ALA A 27 -21.61 -1.96 -9.94
C ALA A 27 -21.47 -1.26 -11.31
N LEU A 28 -21.00 -0.01 -11.29
CA LEU A 28 -20.78 0.77 -12.51
C LEU A 28 -19.78 0.12 -13.43
N ARG A 29 -18.65 -0.27 -12.87
CA ARG A 29 -17.60 -0.88 -13.67
C ARG A 29 -18.08 -2.19 -14.31
N LEU A 30 -18.95 -2.92 -13.61
CA LEU A 30 -19.45 -4.21 -14.13
C LEU A 30 -20.45 -4.05 -15.27
N THR A 31 -21.01 -2.84 -15.42
CA THR A 31 -21.92 -2.57 -16.53
C THR A 31 -21.18 -1.90 -17.69
N GLY A 32 -19.85 -1.81 -17.58
CA GLY A 32 -19.02 -1.24 -18.64
C GLY A 32 -18.55 0.21 -18.53
N ARG A 33 -19.08 0.97 -17.57
CA ARG A 33 -18.62 2.35 -17.37
C ARG A 33 -17.20 2.33 -16.79
N ARG A 34 -16.35 3.20 -17.29
CA ARG A 34 -14.99 3.29 -16.77
C ARG A 34 -14.96 4.32 -15.65
N VAL A 35 -14.38 3.97 -14.51
CA VAL A 35 -14.48 4.87 -13.36
C VAL A 35 -13.24 5.74 -13.32
N MET A 36 -13.43 7.06 -13.23
CA MET A 36 -12.32 8.00 -13.13
C MET A 36 -12.24 8.55 -11.71
N LEU A 37 -11.05 8.62 -11.14
CA LEU A 37 -10.95 9.22 -9.79
C LEU A 37 -10.18 10.52 -9.79
N VAL A 38 -10.74 11.56 -9.18
CA VAL A 38 -10.04 12.83 -9.03
C VAL A 38 -9.93 13.14 -7.51
N PRO A 39 -8.79 12.80 -6.90
CA PRO A 39 -8.62 13.10 -5.47
C PRO A 39 -8.40 14.58 -5.17
N THR A 40 -9.19 15.12 -4.25
CA THR A 40 -9.01 16.53 -3.81
C THR A 40 -9.20 16.67 -2.30
N MET A 41 -8.80 17.84 -1.78
CA MET A 41 -9.08 18.22 -0.40
C MET A 41 -10.11 19.36 -0.38
N GLY A 42 -10.91 19.45 -1.42
CA GLY A 42 -11.99 20.44 -1.51
C GLY A 42 -11.46 21.85 -1.72
N ALA A 43 -12.30 22.85 -1.41
CA ALA A 43 -11.95 24.23 -1.66
C ALA A 43 -11.61 24.35 -3.15
N LEU A 44 -12.55 23.90 -3.97
CA LEU A 44 -12.30 23.67 -5.38
C LEU A 44 -12.22 24.96 -6.17
N HIS A 45 -11.24 25.03 -7.05
CA HIS A 45 -11.10 26.15 -7.98
C HIS A 45 -10.85 25.59 -9.39
N GLU A 46 -10.65 26.47 -10.37
CA GLU A 46 -10.53 26.04 -11.78
C GLU A 46 -9.40 25.03 -12.04
N GLY A 47 -8.36 25.07 -11.20
CA GLY A 47 -7.26 24.10 -11.31
C GLY A 47 -7.75 22.66 -11.06
N HIS A 48 -8.54 22.47 -9.99
CA HIS A 48 -9.18 21.18 -9.69
C HIS A 48 -10.12 20.83 -10.84
N LEU A 49 -10.82 21.84 -11.35
CA LEU A 49 -11.84 21.56 -12.38
C LEU A 49 -11.20 21.12 -13.70
N ALA A 50 -9.94 21.50 -13.94
CA ALA A 50 -9.20 20.99 -15.08
C ALA A 50 -9.06 19.47 -14.99
N LEU A 51 -8.81 18.96 -13.78
CA LEU A 51 -8.67 17.50 -13.60
C LEU A 51 -10.04 16.86 -13.85
N VAL A 52 -11.10 17.49 -13.33
CA VAL A 52 -12.47 16.97 -13.48
C VAL A 52 -12.84 16.87 -14.96
N ARG A 53 -12.59 17.96 -15.70
CA ARG A 53 -12.86 17.96 -17.15
C ARG A 53 -12.04 16.94 -17.93
N ALA A 54 -10.80 16.71 -17.50
CA ALA A 54 -9.96 15.69 -18.14
C ALA A 54 -10.54 14.31 -17.89
N ALA A 55 -11.01 14.06 -16.66
CA ALA A 55 -11.69 12.83 -16.34
C ALA A 55 -12.94 12.66 -17.20
N LYS A 56 -13.71 13.74 -17.31
CA LYS A 56 -15.03 13.70 -17.94
C LYS A 56 -15.02 13.35 -19.42
N ARG A 57 -13.97 13.78 -20.12
CA ARG A 57 -13.85 13.49 -21.55
CA ARG A 57 -13.87 13.48 -21.55
C ARG A 57 -13.40 12.06 -21.87
N VAL A 58 -13.07 11.26 -20.85
CA VAL A 58 -12.77 9.85 -21.12
C VAL A 58 -14.09 9.18 -21.52
N PRO A 59 -14.13 8.53 -22.72
CA PRO A 59 -15.44 8.00 -23.16
C PRO A 59 -16.03 6.93 -22.23
N GLY A 60 -17.33 7.04 -21.95
CA GLY A 60 -18.04 6.13 -21.05
C GLY A 60 -17.67 6.31 -19.58
N SER A 61 -16.98 7.40 -19.29
CA SER A 61 -16.44 7.61 -17.95
C SER A 61 -17.57 7.92 -16.97
N VAL A 62 -17.42 7.47 -15.73
CA VAL A 62 -18.17 8.06 -14.63
C VAL A 62 -17.12 8.68 -13.69
N VAL A 63 -17.33 9.93 -13.29
CA VAL A 63 -16.29 10.66 -12.57
C VAL A 63 -16.62 10.60 -11.07
N VAL A 64 -15.64 10.14 -10.29
CA VAL A 64 -15.68 10.23 -8.83
C VAL A 64 -14.69 11.29 -8.37
N VAL A 65 -15.19 12.34 -7.71
CA VAL A 65 -14.31 13.32 -7.09
C VAL A 65 -14.35 13.07 -5.59
N SER A 66 -13.20 12.74 -5.02
CA SER A 66 -13.11 12.62 -3.56
C SER A 66 -12.74 13.96 -2.96
N ILE A 67 -13.40 14.27 -1.85
CA ILE A 67 -13.10 15.47 -1.08
C ILE A 67 -12.86 15.02 0.36
N PHE A 68 -11.63 15.18 0.81
CA PHE A 68 -11.19 14.68 2.13
C PHE A 68 -9.94 15.43 2.54
N VAL A 69 -10.03 16.17 3.64
CA VAL A 69 -8.89 16.92 4.11
C VAL A 69 -8.15 15.95 5.03
N ASN A 70 -7.07 15.40 4.50
CA ASN A 70 -6.44 14.22 5.08
C ASN A 70 -5.54 14.61 6.24
N PRO A 71 -5.93 14.28 7.49
CA PRO A 71 -5.11 14.77 8.62
C PRO A 71 -3.68 14.20 8.60
N MET A 72 -3.50 13.01 8.04
CA MET A 72 -2.20 12.36 8.13
C MET A 72 -1.05 13.18 7.47
N GLN A 73 -1.40 13.98 6.48
CA GLN A 73 -0.38 14.68 5.68
C GLN A 73 -0.11 16.10 6.16
N PHE A 74 -0.78 16.46 7.26
CA PHE A 74 -0.55 17.73 7.91
C PHE A 74 0.37 17.52 9.12
N GLY A 75 1.31 18.44 9.30
CA GLY A 75 2.09 18.51 10.53
C GLY A 75 1.30 19.29 11.55
N ALA A 76 1.47 18.95 12.83
CA ALA A 76 0.88 19.71 13.93
C ALA A 76 1.31 21.17 13.87
N GLY A 77 0.47 22.07 14.37
CA GLY A 77 0.78 23.49 14.31
C GLY A 77 -0.21 24.28 13.47
N GLY A 78 -1.48 23.88 13.50
CA GLY A 78 -2.54 24.73 12.98
C GLY A 78 -2.82 24.65 11.49
N ASP A 79 -1.94 23.97 10.72
CA ASP A 79 -2.15 23.86 9.28
C ASP A 79 -3.45 23.14 8.99
N LEU A 80 -3.74 22.09 9.76
CA LEU A 80 -4.95 21.28 9.51
C LEU A 80 -6.19 22.12 9.75
N ASP A 81 -6.24 22.80 10.88
CA ASP A 81 -7.41 23.65 11.20
C ASP A 81 -7.59 24.81 10.21
N ALA A 82 -6.47 25.27 9.65
CA ALA A 82 -6.44 26.44 8.76
C ALA A 82 -6.79 26.11 7.30
N TYR A 83 -6.77 24.81 6.94
CA TYR A 83 -7.07 24.45 5.56
C TYR A 83 -8.47 24.93 5.18
N PRO A 84 -8.62 25.60 4.02
CA PRO A 84 -9.94 26.19 3.71
C PRO A 84 -10.99 25.13 3.45
N ARG A 85 -12.18 25.32 4.03
CA ARG A 85 -13.26 24.39 3.83
C ARG A 85 -14.50 25.16 3.31
N THR A 86 -14.85 24.90 2.04
CA THR A 86 -16.02 25.54 1.38
C THR A 86 -16.92 24.45 0.76
N PRO A 87 -17.49 23.56 1.59
CA PRO A 87 -18.14 22.36 1.02
C PRO A 87 -19.33 22.69 0.13
N ASP A 88 -20.10 23.72 0.50
CA ASP A 88 -21.27 24.15 -0.28
C ASP A 88 -20.90 24.59 -1.69
N ASP A 89 -19.91 25.48 -1.82
CA ASP A 89 -19.38 25.84 -3.11
C ASP A 89 -18.84 24.59 -3.83
N ASP A 90 -18.11 23.71 -3.12
CA ASP A 90 -17.52 22.52 -3.80
C ASP A 90 -18.56 21.67 -4.51
N LEU A 91 -19.59 21.27 -3.78
CA LEU A 91 -20.63 20.42 -4.36
C LEU A 91 -21.38 21.13 -5.49
N ALA A 92 -21.54 22.45 -5.37
CA ALA A 92 -22.20 23.27 -6.40
C ALA A 92 -21.41 23.23 -7.70
N GLN A 93 -20.09 23.39 -7.57
CA GLN A 93 -19.17 23.29 -8.71
C GLN A 93 -19.19 21.92 -9.36
N LEU A 94 -19.26 20.87 -8.55
CA LEU A 94 -19.34 19.50 -9.12
C LEU A 94 -20.64 19.26 -9.90
N ARG A 95 -21.77 19.74 -9.37
CA ARG A 95 -23.05 19.70 -10.12
C ARG A 95 -22.93 20.42 -11.47
N ALA A 96 -22.35 21.62 -11.45
CA ALA A 96 -22.18 22.46 -12.65
C ALA A 96 -21.26 21.80 -13.68
N GLU A 97 -20.37 20.94 -13.20
CA GLU A 97 -19.45 20.23 -14.08
C GLU A 97 -20.00 18.88 -14.56
N GLY A 98 -21.19 18.51 -14.06
CA GLY A 98 -21.84 17.26 -14.49
C GLY A 98 -21.17 16.02 -13.91
N VAL A 99 -20.45 16.20 -12.79
CA VAL A 99 -19.87 15.08 -12.04
C VAL A 99 -21.00 14.26 -11.41
N GLU A 100 -20.90 12.95 -11.50
CA GLU A 100 -21.97 12.12 -10.96
C GLU A 100 -21.74 11.59 -9.56
N ILE A 101 -20.49 11.51 -9.14
CA ILE A 101 -20.19 11.00 -7.79
C ILE A 101 -19.20 11.90 -7.01
N ALA A 102 -19.61 12.32 -5.81
CA ALA A 102 -18.71 12.93 -4.85
C ALA A 102 -18.52 11.97 -3.68
N PHE A 103 -17.26 11.70 -3.35
CA PHE A 103 -16.96 10.85 -2.18
C PHE A 103 -16.41 11.69 -1.03
N THR A 104 -17.16 11.77 0.07
CA THR A 104 -16.87 12.74 1.12
C THR A 104 -16.79 11.96 2.45
N PRO A 105 -15.73 11.14 2.61
CA PRO A 105 -15.65 10.31 3.81
C PRO A 105 -15.29 11.11 5.08
N THR A 106 -15.65 10.57 6.24
CA THR A 106 -15.23 11.12 7.52
C THR A 106 -13.82 10.67 7.90
N THR A 107 -13.19 11.41 8.80
CA THR A 107 -11.90 10.97 9.36
C THR A 107 -12.01 9.62 10.07
N ALA A 108 -13.10 9.41 10.80
CA ALA A 108 -13.27 8.11 11.51
C ALA A 108 -13.39 6.94 10.54
N ALA A 109 -14.03 7.20 9.39
CA ALA A 109 -14.26 6.13 8.40
C ALA A 109 -12.95 5.77 7.68
N MET A 110 -12.08 6.76 7.52
CA MET A 110 -10.79 6.59 6.80
C MET A 110 -9.69 6.05 7.76
N TYR A 111 -9.75 6.46 9.03
CA TYR A 111 -8.74 6.12 10.03
C TYR A 111 -9.34 5.54 11.34
N PRO A 112 -10.12 4.44 11.22
CA PRO A 112 -10.82 3.88 12.37
C PRO A 112 -9.80 3.34 13.38
N ASP A 113 -8.60 3.00 12.89
CA ASP A 113 -7.57 2.47 13.78
C ASP A 113 -6.39 3.40 13.97
N GLY A 114 -6.59 4.70 13.70
CA GLY A 114 -5.50 5.66 13.79
C GLY A 114 -4.48 5.41 12.71
N LEU A 115 -3.22 5.72 12.99
CA LEU A 115 -2.16 5.42 12.04
C LEU A 115 -1.57 4.08 12.41
N ARG A 116 -1.90 3.06 11.63
CA ARG A 116 -1.39 1.73 11.93
C ARG A 116 -0.49 1.31 10.76
N THR A 117 -1.02 0.55 9.79
CA THR A 117 -0.25 0.25 8.55
C THR A 117 -0.24 1.53 7.70
N THR A 118 0.93 1.91 7.18
CA THR A 118 1.04 3.09 6.37
C THR A 118 2.01 2.84 5.21
N VAL A 119 2.02 3.79 4.28
CA VAL A 119 2.94 3.72 3.16
C VAL A 119 4.19 4.50 3.49
N GLN A 120 5.33 3.86 3.28
CA GLN A 120 6.63 4.52 3.40
C GLN A 120 7.15 4.88 2.01
N PRO A 121 7.13 6.19 1.64
CA PRO A 121 7.60 6.52 0.29
C PRO A 121 9.11 6.31 0.17
N GLY A 122 9.59 6.28 -1.06
CA GLY A 122 11.04 6.29 -1.30
C GLY A 122 11.70 7.60 -0.91
N PRO A 123 13.02 7.69 -1.14
CA PRO A 123 13.87 8.80 -0.69
C PRO A 123 13.42 10.18 -1.23
N LEU A 124 12.72 10.22 -2.36
CA LEU A 124 12.19 11.50 -2.89
C LEU A 124 11.31 12.24 -1.86
N ALA A 125 10.61 11.49 -0.98
CA ALA A 125 9.71 12.13 -0.02
C ALA A 125 10.44 12.99 1.04
N ALA A 126 11.76 12.80 1.13
CA ALA A 126 12.59 13.54 2.12
C ALA A 126 13.12 14.85 1.57
N GLU A 127 12.91 15.06 0.27
CA GLU A 127 13.50 16.20 -0.43
C GLU A 127 12.46 17.20 -0.86
N LEU A 128 12.93 18.40 -1.27
CA LEU A 128 12.01 19.48 -1.74
C LEU A 128 10.92 19.79 -0.69
N GLU A 129 9.65 19.56 -1.00
CA GLU A 129 8.56 19.76 -0.03
C GLU A 129 8.74 18.93 1.25
N GLY A 130 9.40 17.77 1.13
CA GLY A 130 9.48 16.86 2.26
C GLY A 130 10.63 17.18 3.21
N GLY A 131 11.50 18.09 2.79
CA GLY A 131 12.67 18.46 3.59
C GLY A 131 12.36 18.80 5.03
N PRO A 132 11.55 19.86 5.24
CA PRO A 132 11.03 20.30 6.51
C PRO A 132 9.79 19.55 6.98
N ARG A 133 9.22 18.69 6.12
CA ARG A 133 7.98 17.98 6.43
CA ARG A 133 7.98 17.97 6.42
C ARG A 133 8.17 16.51 6.06
N PRO A 134 9.03 15.82 6.82
CA PRO A 134 9.47 14.48 6.44
C PRO A 134 8.36 13.42 6.45
N THR A 135 7.20 13.74 7.04
CA THR A 135 6.09 12.77 7.05
C THR A 135 4.95 13.13 6.11
N HIS A 136 5.07 14.27 5.43
CA HIS A 136 3.99 14.78 4.59
C HIS A 136 3.57 13.77 3.49
N PHE A 137 4.56 13.28 2.72
CA PHE A 137 4.25 12.40 1.57
C PHE A 137 3.84 10.99 1.95
N ALA A 138 4.29 10.52 3.12
CA ALA A 138 3.73 9.26 3.67
C ALA A 138 2.23 9.45 3.90
N GLY A 139 1.82 10.60 4.45
CA GLY A 139 0.37 10.95 4.54
C GLY A 139 -0.39 10.90 3.20
N VAL A 140 0.20 11.52 2.19
CA VAL A 140 -0.41 11.62 0.86
C VAL A 140 -0.50 10.22 0.22
N LEU A 141 0.62 9.49 0.24
CA LEU A 141 0.62 8.17 -0.40
C LEU A 141 -0.33 7.17 0.28
N THR A 142 -0.36 7.22 1.60
CA THR A 142 -1.28 6.38 2.37
C THR A 142 -2.73 6.67 1.98
N VAL A 143 -3.13 7.94 1.97
CA VAL A 143 -4.54 8.23 1.66
C VAL A 143 -4.88 7.93 0.19
N VAL A 144 -3.92 8.16 -0.71
CA VAL A 144 -4.22 7.90 -2.13
C VAL A 144 -4.32 6.38 -2.35
N LEU A 145 -3.46 5.61 -1.66
CA LEU A 145 -3.56 4.16 -1.81
C LEU A 145 -4.98 3.72 -1.35
N LYS A 146 -5.43 4.25 -0.22
CA LYS A 146 -6.73 3.86 0.32
C LYS A 146 -7.85 4.22 -0.66
N LEU A 147 -7.78 5.43 -1.19
CA LEU A 147 -8.79 5.94 -2.13
C LEU A 147 -8.81 5.05 -3.35
N LEU A 148 -7.63 4.65 -3.82
CA LEU A 148 -7.56 3.78 -4.98
C LEU A 148 -8.20 2.40 -4.72
N GLN A 149 -7.99 1.87 -3.51
CA GLN A 149 -8.54 0.58 -3.12
C GLN A 149 -10.03 0.63 -2.94
N ILE A 150 -10.52 1.75 -2.42
CA ILE A 150 -11.95 1.95 -2.20
C ILE A 150 -12.69 2.09 -3.55
N VAL A 151 -12.18 2.97 -4.39
CA VAL A 151 -12.89 3.38 -5.61
C VAL A 151 -12.53 2.46 -6.79
N ARG A 152 -11.32 1.88 -6.77
CA ARG A 152 -10.76 1.07 -7.87
C ARG A 152 -11.02 1.72 -9.24
N PRO A 153 -10.49 2.93 -9.45
CA PRO A 153 -10.71 3.57 -10.75
C PRO A 153 -9.82 2.95 -11.84
N ASP A 154 -10.25 3.12 -13.09
CA ASP A 154 -9.37 2.83 -14.24
C ASP A 154 -8.26 3.83 -14.39
N ARG A 155 -8.53 5.10 -14.06
CA ARG A 155 -7.52 6.14 -14.18
C ARG A 155 -7.70 7.10 -13.00
N VAL A 156 -6.61 7.67 -12.55
CA VAL A 156 -6.65 8.63 -11.45
C VAL A 156 -5.90 9.88 -11.91
N PHE A 157 -6.39 11.05 -11.52
CA PHE A 157 -5.93 12.30 -12.09
C PHE A 157 -5.22 13.16 -11.05
N PHE A 158 -4.03 13.66 -11.40
CA PHE A 158 -3.22 14.51 -10.54
C PHE A 158 -2.70 15.73 -11.32
N GLY A 159 -2.59 16.90 -10.66
CA GLY A 159 -2.14 18.12 -11.31
C GLY A 159 -0.63 18.20 -11.34
N GLU A 160 -0.09 18.72 -12.44
CA GLU A 160 1.31 19.10 -12.51
C GLU A 160 1.69 20.18 -11.49
N LYS A 161 0.69 20.92 -10.97
CA LYS A 161 0.87 21.90 -9.89
C LYS A 161 1.68 21.32 -8.75
N ASP A 162 1.33 20.10 -8.33
CA ASP A 162 2.03 19.45 -7.27
C ASP A 162 2.88 18.36 -7.91
N TYR A 163 3.95 18.81 -8.56
CA TYR A 163 4.70 17.95 -9.45
C TYR A 163 5.38 16.86 -8.65
N GLN A 164 5.97 17.20 -7.50
CA GLN A 164 6.61 16.16 -6.67
C GLN A 164 5.60 15.10 -6.22
N GLN A 165 4.40 15.56 -5.85
CA GLN A 165 3.34 14.65 -5.50
C GLN A 165 2.97 13.70 -6.64
N LEU A 166 2.84 14.25 -7.85
CA LEU A 166 2.54 13.45 -9.05
C LEU A 166 3.62 12.39 -9.28
N VAL A 167 4.89 12.79 -9.19
CA VAL A 167 6.02 11.82 -9.34
C VAL A 167 5.92 10.70 -8.31
N LEU A 168 5.64 11.09 -7.07
CA LEU A 168 5.53 10.10 -5.98
C LEU A 168 4.37 9.15 -6.19
N ILE A 169 3.26 9.65 -6.75
CA ILE A 169 2.11 8.80 -7.03
C ILE A 169 2.47 7.82 -8.14
N ARG A 170 3.25 8.25 -9.13
CA ARG A 170 3.64 7.29 -10.18
C ARG A 170 4.53 6.18 -9.58
N GLN A 171 5.36 6.55 -8.60
CA GLN A 171 6.22 5.58 -7.89
C GLN A 171 5.35 4.62 -7.10
N LEU A 172 4.37 5.16 -6.39
CA LEU A 172 3.43 4.32 -5.63
C LEU A 172 2.80 3.29 -6.55
N VAL A 173 2.28 3.77 -7.69
CA VAL A 173 1.58 2.91 -8.65
C VAL A 173 2.51 1.84 -9.22
N ALA A 174 3.72 2.25 -9.59
CA ALA A 174 4.71 1.31 -10.14
C ALA A 174 5.14 0.27 -9.09
N ASP A 175 5.48 0.76 -7.91
CA ASP A 175 6.15 -0.02 -6.87
C ASP A 175 5.22 -1.04 -6.21
N PHE A 176 3.91 -0.71 -6.17
CA PHE A 176 2.91 -1.63 -5.61
C PHE A 176 2.10 -2.36 -6.71
N ASN A 177 2.54 -2.24 -7.96
CA ASN A 177 1.86 -2.92 -9.11
C ASN A 177 0.37 -2.57 -9.16
N LEU A 178 0.02 -1.32 -8.84
CA LEU A 178 -1.41 -0.92 -8.88
C LEU A 178 -1.92 -0.87 -10.32
N ASP A 179 -3.12 -1.41 -10.52
CA ASP A 179 -3.72 -1.52 -11.83
C ASP A 179 -4.56 -0.27 -12.05
N VAL A 180 -3.90 0.86 -12.19
CA VAL A 180 -4.56 2.17 -12.45
C VAL A 180 -3.60 2.96 -13.34
N ALA A 181 -4.13 3.77 -14.25
CA ALA A 181 -3.29 4.65 -15.07
C ALA A 181 -3.27 6.00 -14.35
N VAL A 182 -2.09 6.58 -14.17
CA VAL A 182 -1.99 7.92 -13.55
C VAL A 182 -1.94 8.97 -14.69
N VAL A 183 -2.90 9.90 -14.67
CA VAL A 183 -2.95 10.96 -15.68
C VAL A 183 -2.57 12.30 -15.06
N GLY A 184 -1.46 12.86 -15.55
CA GLY A 184 -0.98 14.18 -15.10
C GLY A 184 -1.73 15.21 -15.92
N VAL A 185 -2.15 16.28 -15.26
CA VAL A 185 -2.93 17.31 -15.91
C VAL A 185 -2.16 18.64 -15.80
N PRO A 186 -2.02 19.41 -16.91
CA PRO A 186 -1.21 20.63 -16.83
C PRO A 186 -1.72 21.68 -15.82
N THR A 187 -0.80 22.46 -15.28
CA THR A 187 -1.14 23.48 -14.29
C THR A 187 -2.04 24.61 -14.84
N VAL A 188 -3.13 24.88 -14.13
CA VAL A 188 -4.03 26.00 -14.47
C VAL A 188 -3.53 27.26 -13.82
N ARG A 189 -3.45 28.34 -14.60
CA ARG A 189 -2.87 29.61 -14.11
C ARG A 189 -3.84 30.78 -14.25
N GLU A 190 -3.66 31.78 -13.41
CA GLU A 190 -4.46 33.01 -13.57
C GLU A 190 -3.95 33.73 -14.82
N ALA A 191 -4.63 34.79 -15.23
CA ALA A 191 -4.29 35.49 -16.47
C ALA A 191 -2.83 36.00 -16.51
N ASP A 192 -2.29 36.37 -15.35
CA ASP A 192 -0.88 36.84 -15.27
C ASP A 192 0.18 35.75 -15.10
N GLY A 193 -0.25 34.48 -15.02
CA GLY A 193 0.66 33.36 -14.81
C GLY A 193 0.63 32.70 -13.44
N LEU A 194 0.07 33.36 -12.41
CA LEU A 194 0.07 32.78 -11.07
C LEU A 194 -0.62 31.42 -11.05
N ALA A 195 0.06 30.37 -10.59
CA ALA A 195 -0.54 29.03 -10.55
C ALA A 195 -1.73 29.09 -9.57
N MET A 196 -2.87 28.56 -10.00
CA MET A 196 -4.04 28.57 -9.11
C MET A 196 -3.85 27.68 -7.90
N SER A 197 -4.18 28.22 -6.73
CA SER A 197 -4.06 27.46 -5.48
C SER A 197 -5.09 27.97 -4.50
N SER A 198 -5.62 27.06 -3.67
CA SER A 198 -6.61 27.44 -2.64
C SER A 198 -5.91 28.36 -1.65
N ARG A 199 -4.57 28.33 -1.64
CA ARG A 199 -3.79 29.21 -0.77
C ARG A 199 -3.63 30.63 -1.27
N ASN A 200 -3.97 30.89 -2.53
CA ASN A 200 -3.81 32.23 -3.08
C ASN A 200 -4.70 33.23 -2.34
N ARG A 201 -5.79 32.73 -1.73
CA ARG A 201 -6.75 33.59 -1.00
C ARG A 201 -6.06 34.29 0.20
N TYR A 202 -4.90 33.79 0.59
CA TYR A 202 -4.17 34.38 1.72
C TYR A 202 -3.16 35.47 1.31
N LEU A 203 -3.11 35.77 0.01
CA LEU A 203 -2.34 36.90 -0.49
C LEU A 203 -3.18 38.18 -0.47
N ASP A 204 -2.68 39.21 0.18
CA ASP A 204 -3.34 40.51 0.12
C ASP A 204 -2.98 41.15 -1.22
N PRO A 205 -3.66 42.25 -1.62
CA PRO A 205 -3.35 42.81 -2.94
C PRO A 205 -1.87 43.04 -3.30
N ALA A 206 -1.08 43.52 -2.35
CA ALA A 206 0.35 43.71 -2.59
C ALA A 206 1.10 42.38 -2.88
N GLN A 207 0.85 41.40 -2.02
CA GLN A 207 1.47 40.07 -2.11
C GLN A 207 1.00 39.38 -3.40
N ARG A 208 -0.26 39.56 -3.76
CA ARG A 208 -0.78 39.02 -5.01
C ARG A 208 -0.03 39.59 -6.21
N ALA A 209 0.28 40.89 -6.14
CA ALA A 209 1.04 41.57 -7.18
C ALA A 209 2.42 40.94 -7.29
N ALA A 210 3.11 40.77 -6.17
CA ALA A 210 4.49 40.28 -6.14
C ALA A 210 4.59 38.81 -6.55
N ALA A 211 3.54 38.05 -6.23
CA ALA A 211 3.49 36.60 -6.52
C ALA A 211 3.63 36.20 -7.99
N VAL A 212 3.36 37.12 -8.92
CA VAL A 212 3.54 36.85 -10.36
C VAL A 212 5.00 36.49 -10.64
N ALA A 213 5.89 36.86 -9.72
CA ALA A 213 7.35 36.63 -9.92
C ALA A 213 7.70 35.15 -10.03
N LEU A 214 6.94 34.28 -9.35
CA LEU A 214 7.27 32.84 -9.42
C LEU A 214 7.13 32.31 -10.84
N SER A 215 5.94 32.53 -11.44
CA SER A 215 5.68 32.10 -12.82
C SER A 215 6.54 32.89 -13.83
N ALA A 216 6.75 34.18 -13.60
CA ALA A 216 7.63 34.98 -14.47
C ALA A 216 9.05 34.42 -14.51
N ALA A 217 9.54 34.06 -13.33
CA ALA A 217 10.91 33.52 -13.17
C ALA A 217 11.02 32.18 -13.89
N LEU A 218 10.04 31.30 -13.68
CA LEU A 218 10.06 29.99 -14.30
C LEU A 218 9.99 30.04 -15.81
N THR A 219 9.09 30.88 -16.33
CA THR A 219 8.90 31.00 -17.77
CA THR A 219 8.91 30.99 -17.77
C THR A 219 10.12 31.67 -18.42
N ALA A 220 10.69 32.67 -17.73
CA ALA A 220 11.94 33.29 -18.21
C ALA A 220 13.02 32.20 -18.30
N ALA A 221 13.16 31.39 -17.24
CA ALA A 221 14.13 30.27 -17.22
C ALA A 221 13.93 29.32 -18.39
N ALA A 222 12.68 28.94 -18.64
CA ALA A 222 12.35 28.00 -19.70
C ALA A 222 12.83 28.52 -21.04
N HIS A 223 12.78 29.85 -21.24
CA HIS A 223 13.26 30.43 -22.52
C HIS A 223 14.76 30.69 -22.54
N ALA A 224 15.32 30.95 -21.37
CA ALA A 224 16.75 31.19 -21.23
C ALA A 224 17.51 29.87 -21.46
N ALA A 225 16.81 28.73 -21.30
CA ALA A 225 17.46 27.40 -21.24
C ALA A 225 18.14 26.98 -22.56
N THR A 226 17.86 27.70 -23.65
CA THR A 226 18.65 27.46 -24.91
C THR A 226 20.13 27.70 -24.67
N ALA A 227 20.45 28.60 -23.73
CA ALA A 227 21.81 28.94 -23.34
C ALA A 227 22.41 28.04 -22.23
N GLY A 228 21.65 27.06 -21.76
CA GLY A 228 22.16 26.09 -20.78
C GLY A 228 21.52 26.27 -19.40
N ALA A 229 21.84 25.34 -18.49
CA ALA A 229 21.25 25.33 -17.13
C ALA A 229 21.60 26.55 -16.27
N GLN A 230 22.85 27.00 -16.33
CA GLN A 230 23.29 28.12 -15.50
C GLN A 230 22.50 29.37 -15.91
N ALA A 231 22.35 29.57 -17.22
CA ALA A 231 21.57 30.67 -17.77
C ALA A 231 20.12 30.60 -17.28
N ALA A 232 19.52 29.41 -17.36
CA ALA A 232 18.10 29.23 -16.94
C ALA A 232 17.94 29.59 -15.45
N LEU A 233 18.79 29.01 -14.62
CA LEU A 233 18.71 29.26 -13.17
C LEU A 233 18.99 30.71 -12.81
N ASP A 234 19.98 31.33 -13.46
CA ASP A 234 20.31 32.73 -13.14
C ASP A 234 19.19 33.70 -13.58
N ALA A 235 18.55 33.42 -14.73
CA ALA A 235 17.38 34.20 -15.21
C ALA A 235 16.27 34.16 -14.15
N ALA A 236 15.95 32.96 -13.65
CA ALA A 236 14.90 32.78 -12.61
C ALA A 236 15.32 33.51 -11.36
N ARG A 237 16.58 33.36 -10.97
CA ARG A 237 17.03 34.00 -9.73
C ARG A 237 16.91 35.53 -9.81
N ALA A 238 17.26 36.07 -10.98
CA ALA A 238 17.22 37.51 -11.22
C ALA A 238 15.81 38.05 -11.03
N VAL A 239 14.83 37.33 -11.59
CA VAL A 239 13.41 37.69 -11.50
C VAL A 239 12.98 37.63 -10.04
N LEU A 240 13.30 36.52 -9.36
CA LEU A 240 12.86 36.41 -7.94
C LEU A 240 13.49 37.47 -7.06
N ASP A 241 14.78 37.75 -7.32
CA ASP A 241 15.53 38.83 -6.62
C ASP A 241 14.95 40.22 -6.85
N ALA A 242 14.31 40.42 -8.00
CA ALA A 242 13.71 41.72 -8.30
C ALA A 242 12.35 41.90 -7.64
N ALA A 243 11.84 40.85 -6.98
CA ALA A 243 10.44 40.85 -6.51
C ALA A 243 10.33 41.20 -5.06
N PRO A 244 9.56 42.26 -4.76
CA PRO A 244 9.35 42.78 -3.43
C PRO A 244 8.68 41.76 -2.54
N GLY A 245 9.37 41.35 -1.51
CA GLY A 245 8.75 40.57 -0.44
C GLY A 245 8.50 39.13 -0.82
N VAL A 246 9.29 38.62 -1.77
CA VAL A 246 9.30 37.19 -2.05
C VAL A 246 10.53 36.57 -1.38
N ALA A 247 10.32 35.64 -0.45
CA ALA A 247 11.42 34.90 0.17
C ALA A 247 11.54 33.46 -0.34
N VAL A 248 12.57 33.21 -1.11
CA VAL A 248 12.74 31.88 -1.73
C VAL A 248 13.18 30.81 -0.72
N ASP A 249 12.37 29.74 -0.63
CA ASP A 249 12.74 28.55 0.14
CA ASP A 249 12.67 28.52 0.12
C ASP A 249 13.66 27.66 -0.67
N TYR A 250 13.27 27.31 -1.91
CA TYR A 250 14.18 26.58 -2.81
C TYR A 250 13.89 26.91 -4.28
N LEU A 251 14.89 26.74 -5.14
CA LEU A 251 14.74 26.84 -6.59
C LEU A 251 15.69 25.80 -7.14
N GLU A 252 15.15 24.76 -7.73
CA GLU A 252 15.96 23.59 -8.10
C GLU A 252 15.62 23.09 -9.46
N LEU A 253 16.65 22.80 -10.24
CA LEU A 253 16.41 22.22 -11.55
C LEU A 253 16.84 20.77 -11.47
N ARG A 254 15.89 19.89 -11.73
CA ARG A 254 16.13 18.45 -11.66
C ARG A 254 15.79 17.73 -12.93
N ASP A 255 16.19 16.46 -13.00
CA ASP A 255 15.66 15.57 -14.03
C ASP A 255 14.15 15.44 -13.85
N ILE A 256 13.43 15.11 -14.92
CA ILE A 256 11.98 15.04 -14.85
C ILE A 256 11.40 14.03 -13.84
N GLY A 257 12.15 12.97 -13.53
CA GLY A 257 11.72 12.04 -12.50
C GLY A 257 12.13 12.44 -11.08
N LEU A 258 12.88 13.55 -10.96
CA LEU A 258 13.30 14.13 -9.66
C LEU A 258 14.20 13.19 -8.88
N GLY A 259 14.55 12.06 -9.48
CA GLY A 259 15.18 10.91 -8.80
C GLY A 259 16.70 10.95 -8.90
N PRO A 260 17.37 9.79 -8.68
CA PRO A 260 18.83 9.72 -8.61
C PRO A 260 19.48 9.73 -10.01
N MET A 261 19.15 10.74 -10.79
CA MET A 261 19.70 10.88 -12.13
C MET A 261 20.05 12.32 -12.38
N PRO A 262 21.16 12.56 -13.11
CA PRO A 262 21.52 13.92 -13.43
C PRO A 262 20.63 14.48 -14.54
N LEU A 263 20.50 15.78 -14.53
CA LEU A 263 19.81 16.52 -15.59
C LEU A 263 20.48 16.24 -16.96
N ASN A 264 19.69 15.76 -17.91
CA ASN A 264 20.09 15.68 -19.33
C ASN A 264 19.43 16.79 -20.19
N GLY A 265 18.67 16.36 -21.18
CA GLY A 265 17.98 17.28 -22.08
C GLY A 265 16.66 17.80 -21.50
N SER A 266 16.04 17.00 -20.63
CA SER A 266 14.69 17.30 -20.13
C SER A 266 14.69 17.43 -18.62
N GLY A 267 14.18 18.58 -18.15
CA GLY A 267 14.18 18.82 -16.72
C GLY A 267 12.89 19.42 -16.20
N ARG A 268 12.87 19.62 -14.87
CA ARG A 268 11.78 20.34 -14.23
C ARG A 268 12.43 21.34 -13.30
N LEU A 269 11.99 22.61 -13.41
CA LEU A 269 12.46 23.67 -12.51
C LEU A 269 11.35 23.87 -11.51
N LEU A 270 11.68 23.75 -10.23
CA LEU A 270 10.72 23.84 -9.16
C LEU A 270 11.12 24.98 -8.18
N VAL A 271 10.13 25.73 -7.75
CA VAL A 271 10.35 26.82 -6.81
C VAL A 271 9.31 26.75 -5.68
N ALA A 272 9.72 27.15 -4.49
CA ALA A 272 8.83 27.41 -3.35
C ALA A 272 9.29 28.69 -2.70
N ALA A 273 8.34 29.57 -2.38
CA ALA A 273 8.66 30.90 -1.87
C ALA A 273 7.57 31.35 -0.91
N ARG A 274 7.95 32.18 0.05
CA ARG A 274 6.98 32.70 0.99
C ARG A 274 6.70 34.16 0.70
N LEU A 275 5.42 34.51 0.71
CA LEU A 275 4.96 35.87 0.60
C LEU A 275 4.21 36.11 1.91
N GLY A 276 4.84 36.84 2.84
CA GLY A 276 4.37 36.86 4.24
C GLY A 276 4.36 35.45 4.82
N THR A 277 3.22 34.99 5.30
CA THR A 277 3.12 33.63 5.85
C THR A 277 2.64 32.61 4.81
N THR A 278 2.30 33.08 3.61
CA THR A 278 1.76 32.18 2.57
C THR A 278 2.90 31.58 1.75
N ARG A 279 2.97 30.24 1.72
CA ARG A 279 4.01 29.55 0.96
C ARG A 279 3.42 29.09 -0.37
N LEU A 280 4.02 29.55 -1.45
CA LEU A 280 3.54 29.24 -2.80
C LEU A 280 4.56 28.33 -3.49
N LEU A 281 4.05 27.45 -4.35
CA LEU A 281 4.88 26.57 -5.18
C LEU A 281 4.59 26.81 -6.65
N ASP A 282 5.59 26.59 -7.49
CA ASP A 282 5.30 26.54 -8.90
C ASP A 282 6.42 25.67 -9.51
N ASN A 283 6.16 25.16 -10.70
CA ASN A 283 7.17 24.40 -11.40
C ASN A 283 6.92 24.47 -12.90
N ILE A 284 7.93 24.16 -13.72
CA ILE A 284 7.77 24.20 -15.14
C ILE A 284 8.71 23.18 -15.83
N ALA A 285 8.28 22.69 -16.99
CA ALA A 285 9.13 21.89 -17.86
C ALA A 285 10.25 22.76 -18.39
N ILE A 286 11.46 22.20 -18.40
CA ILE A 286 12.64 22.86 -18.95
C ILE A 286 13.33 21.91 -19.95
N GLU A 287 13.62 22.43 -21.14
CA GLU A 287 14.41 21.70 -22.14
CA GLU A 287 14.41 21.70 -22.13
C GLU A 287 15.75 22.41 -22.30
N ILE A 288 16.84 21.68 -22.11
CA ILE A 288 18.15 22.32 -22.10
C ILE A 288 18.71 22.35 -23.52
N GLY A 289 19.17 23.50 -23.98
CA GLY A 289 19.70 23.62 -25.35
C GLY A 289 18.57 23.79 -26.34
N ALA B 3 -3.32 -8.97 -26.45
CA ALA B 3 -3.71 -10.41 -26.44
C ALA B 3 -3.40 -11.08 -25.09
N ILE B 4 -4.35 -11.87 -24.59
CA ILE B 4 -4.21 -12.54 -23.30
C ILE B 4 -3.27 -13.74 -23.45
N PRO B 5 -2.30 -13.91 -22.53
CA PRO B 5 -1.40 -15.07 -22.59
C PRO B 5 -2.18 -16.40 -22.61
N ALA B 6 -1.60 -17.43 -23.20
CA ALA B 6 -2.28 -18.74 -23.29
C ALA B 6 -2.57 -19.31 -21.90
N PHE B 7 -3.79 -19.77 -21.69
CA PHE B 7 -4.13 -20.51 -20.46
C PHE B 7 -4.79 -21.83 -20.83
N HIS B 8 -4.18 -22.93 -20.37
CA HIS B 8 -4.68 -24.30 -20.61
C HIS B 8 -5.38 -24.86 -19.36
N PRO B 9 -6.74 -24.88 -19.39
CA PRO B 9 -7.50 -25.37 -18.21
C PRO B 9 -7.14 -26.80 -17.84
N GLY B 10 -7.05 -27.07 -16.54
CA GLY B 10 -6.78 -28.40 -16.00
C GLY B 10 -5.34 -28.84 -16.14
N GLU B 11 -4.47 -27.91 -16.51
CA GLU B 11 -3.04 -28.14 -16.57
C GLU B 11 -2.41 -27.10 -15.67
N LEU B 12 -1.19 -27.35 -15.23
CA LEU B 12 -0.40 -26.34 -14.52
C LEU B 12 0.20 -25.35 -15.51
N ASN B 13 -0.26 -24.10 -15.43
CA ASN B 13 0.23 -23.04 -16.31
C ASN B 13 1.20 -22.18 -15.52
N VAL B 14 2.45 -22.11 -15.98
CA VAL B 14 3.48 -21.37 -15.24
C VAL B 14 3.78 -20.02 -15.90
N TYR B 15 3.74 -18.96 -15.08
CA TYR B 15 4.03 -17.60 -15.55
C TYR B 15 5.08 -16.96 -14.65
N SER B 16 6.08 -16.34 -15.27
CA SER B 16 7.12 -15.61 -14.54
C SER B 16 6.94 -14.10 -14.61
N ALA B 17 6.28 -13.58 -15.65
CA ALA B 17 6.07 -12.14 -15.78
C ALA B 17 4.83 -11.72 -15.01
N PRO B 18 4.96 -10.73 -14.10
CA PRO B 18 3.79 -10.19 -13.40
C PRO B 18 2.63 -9.77 -14.32
N GLY B 19 2.93 -9.12 -15.45
CA GLY B 19 1.92 -8.71 -16.39
C GLY B 19 1.14 -9.89 -16.94
N ASP B 20 1.83 -11.00 -17.21
CA ASP B 20 1.17 -12.21 -17.72
C ASP B 20 0.18 -12.81 -16.72
N VAL B 21 0.64 -13.00 -15.48
CA VAL B 21 -0.28 -13.60 -14.51
C VAL B 21 -1.46 -12.65 -14.26
N ALA B 22 -1.18 -11.35 -14.27
CA ALA B 22 -2.21 -10.32 -14.09
C ALA B 22 -3.28 -10.42 -15.18
N ASP B 23 -2.84 -10.49 -16.44
CA ASP B 23 -3.77 -10.61 -17.59
C ASP B 23 -4.59 -11.88 -17.56
N VAL B 24 -3.96 -13.00 -17.26
CA VAL B 24 -4.65 -14.30 -17.18
C VAL B 24 -5.65 -14.28 -16.04
N SER B 25 -5.23 -13.75 -14.89
CA SER B 25 -6.12 -13.66 -13.75
C SER B 25 -7.36 -12.84 -14.08
N ARG B 26 -7.17 -11.68 -14.70
CA ARG B 26 -8.28 -10.79 -15.06
C ARG B 26 -9.23 -11.46 -16.05
N ALA B 27 -8.66 -12.01 -17.12
CA ALA B 27 -9.41 -12.80 -18.11
C ALA B 27 -10.25 -13.90 -17.41
N LEU B 28 -9.59 -14.69 -16.56
CA LEU B 28 -10.29 -15.81 -15.89
C LEU B 28 -11.43 -15.35 -15.01
N ARG B 29 -11.24 -14.26 -14.25
CA ARG B 29 -12.32 -13.78 -13.37
C ARG B 29 -13.54 -13.30 -14.16
N LEU B 30 -13.29 -12.72 -15.32
CA LEU B 30 -14.36 -12.34 -16.26
C LEU B 30 -15.11 -13.54 -16.84
N THR B 31 -14.48 -14.71 -16.84
CA THR B 31 -15.11 -15.94 -17.35
C THR B 31 -15.91 -16.66 -16.28
N GLY B 32 -15.98 -16.08 -15.08
CA GLY B 32 -16.72 -16.71 -13.99
C GLY B 32 -15.91 -17.70 -13.16
N ARG B 33 -14.62 -17.41 -12.95
CA ARG B 33 -13.79 -18.15 -12.01
C ARG B 33 -13.56 -17.26 -10.79
N ARG B 34 -13.35 -17.87 -9.62
CA ARG B 34 -12.98 -17.09 -8.44
C ARG B 34 -11.50 -17.35 -8.19
N VAL B 35 -10.72 -16.28 -8.18
CA VAL B 35 -9.26 -16.44 -8.20
C VAL B 35 -8.80 -16.54 -6.74
N MET B 36 -8.06 -17.61 -6.43
CA MET B 36 -7.57 -17.89 -5.10
C MET B 36 -6.05 -17.74 -5.12
N LEU B 37 -5.50 -16.98 -4.19
CA LEU B 37 -4.04 -16.81 -4.14
C LEU B 37 -3.45 -17.49 -2.92
N VAL B 38 -2.36 -18.25 -3.13
CA VAL B 38 -1.67 -18.92 -2.06
C VAL B 38 -0.18 -18.50 -2.17
N PRO B 39 0.23 -17.47 -1.40
CA PRO B 39 1.63 -17.04 -1.44
C PRO B 39 2.58 -17.99 -0.73
N THR B 40 3.66 -18.37 -1.42
CA THR B 40 4.66 -19.24 -0.81
C THR B 40 6.07 -18.81 -1.25
N MET B 41 7.04 -19.42 -0.59
CA MET B 41 8.42 -19.24 -1.02
C MET B 41 8.99 -20.53 -1.58
N GLY B 42 8.11 -21.41 -2.04
CA GLY B 42 8.54 -22.71 -2.57
C GLY B 42 9.04 -23.69 -1.51
N ALA B 43 9.82 -24.69 -1.95
CA ALA B 43 10.23 -25.78 -1.06
C ALA B 43 9.00 -26.37 -0.37
N LEU B 44 8.02 -26.75 -1.18
CA LEU B 44 6.67 -27.03 -0.62
C LEU B 44 6.56 -28.32 0.17
N HIS B 45 5.83 -28.26 1.27
CA HIS B 45 5.50 -29.45 2.03
C HIS B 45 4.02 -29.47 2.36
N GLU B 46 3.62 -30.49 3.11
CA GLU B 46 2.20 -30.70 3.41
C GLU B 46 1.52 -29.50 4.06
N GLY B 47 2.28 -28.69 4.79
CA GLY B 47 1.73 -27.46 5.41
C GLY B 47 1.27 -26.48 4.33
N HIS B 48 2.13 -26.21 3.37
CA HIS B 48 1.76 -25.39 2.21
C HIS B 48 0.62 -25.96 1.41
N LEU B 49 0.61 -27.28 1.22
CA LEU B 49 -0.47 -27.96 0.45
C LEU B 49 -1.83 -27.87 1.12
N ALA B 50 -1.87 -27.75 2.44
CA ALA B 50 -3.16 -27.55 3.13
C ALA B 50 -3.80 -26.26 2.67
N LEU B 51 -2.99 -25.21 2.44
CA LEU B 51 -3.52 -23.95 1.91
C LEU B 51 -4.03 -24.14 0.50
N VAL B 52 -3.27 -24.87 -0.32
CA VAL B 52 -3.68 -25.17 -1.66
C VAL B 52 -5.03 -25.87 -1.65
N ARG B 53 -5.17 -26.90 -0.81
CA ARG B 53 -6.43 -27.66 -0.77
C ARG B 53 -7.61 -26.83 -0.28
N ALA B 54 -7.34 -25.90 0.63
CA ALA B 54 -8.40 -24.96 1.08
C ALA B 54 -8.87 -24.08 -0.08
N ALA B 55 -7.92 -23.61 -0.89
CA ALA B 55 -8.22 -22.72 -2.02
C ALA B 55 -9.02 -23.49 -3.06
N LYS B 56 -8.59 -24.73 -3.30
CA LYS B 56 -9.19 -25.55 -4.35
C LYS B 56 -10.68 -25.86 -4.13
N ARG B 57 -11.07 -26.04 -2.89
CA ARG B 57 -12.45 -26.44 -2.63
C ARG B 57 -13.50 -25.33 -2.77
N VAL B 58 -13.07 -24.08 -2.91
CA VAL B 58 -14.01 -23.00 -3.19
C VAL B 58 -14.62 -23.22 -4.58
N PRO B 59 -15.97 -23.29 -4.66
CA PRO B 59 -16.59 -23.54 -5.96
C PRO B 59 -16.21 -22.47 -6.97
N GLY B 60 -15.86 -22.94 -8.16
CA GLY B 60 -15.44 -22.01 -9.24
C GLY B 60 -13.97 -21.60 -9.17
N SER B 61 -13.22 -22.14 -8.21
CA SER B 61 -11.85 -21.66 -7.97
C SER B 61 -10.92 -21.90 -9.15
N VAL B 62 -10.01 -20.94 -9.38
CA VAL B 62 -8.75 -21.23 -10.07
C VAL B 62 -7.69 -20.83 -9.05
N VAL B 63 -6.75 -21.74 -8.84
CA VAL B 63 -5.76 -21.55 -7.78
C VAL B 63 -4.46 -20.99 -8.35
N VAL B 64 -4.03 -19.85 -7.79
CA VAL B 64 -2.74 -19.26 -8.11
C VAL B 64 -1.81 -19.52 -6.93
N VAL B 65 -0.72 -20.25 -7.15
CA VAL B 65 0.31 -20.37 -6.11
C VAL B 65 1.50 -19.54 -6.53
N SER B 66 1.87 -18.55 -5.72
CA SER B 66 3.12 -17.81 -6.04
C SER B 66 4.28 -18.48 -5.32
N ILE B 67 5.42 -18.51 -6.02
CA ILE B 67 6.65 -19.01 -5.46
C ILE B 67 7.65 -17.92 -5.68
N PHE B 68 8.07 -17.30 -4.59
CA PHE B 68 8.95 -16.15 -4.67
C PHE B 68 9.63 -15.97 -3.33
N VAL B 69 10.95 -16.00 -3.36
CA VAL B 69 11.72 -15.71 -2.17
C VAL B 69 12.00 -14.24 -2.11
N ASN B 70 11.40 -13.58 -1.13
CA ASN B 70 11.41 -12.14 -1.03
C ASN B 70 12.69 -11.72 -0.33
N PRO B 71 13.61 -11.04 -1.05
CA PRO B 71 14.88 -10.68 -0.41
C PRO B 71 14.66 -9.72 0.76
N MET B 72 13.61 -8.89 0.62
CA MET B 72 13.25 -7.84 1.59
C MET B 72 12.88 -8.33 3.01
N GLN B 73 12.29 -9.52 3.11
CA GLN B 73 11.95 -10.11 4.42
C GLN B 73 13.05 -11.05 4.94
N ALA B 82 21.49 -20.07 2.24
CA ALA B 82 20.45 -19.87 1.22
C ALA B 82 19.21 -20.72 1.51
N TYR B 83 18.05 -20.09 1.38
CA TYR B 83 16.75 -20.75 1.52
C TYR B 83 16.63 -21.92 0.52
N PRO B 84 16.04 -23.07 0.94
CA PRO B 84 15.87 -24.21 0.03
C PRO B 84 15.13 -23.84 -1.28
N ARG B 85 15.68 -24.31 -2.41
CA ARG B 85 15.13 -24.03 -3.74
C ARG B 85 15.02 -25.29 -4.59
N THR B 86 13.79 -25.78 -4.76
CA THR B 86 13.51 -26.98 -5.57
C THR B 86 12.35 -26.73 -6.56
N PRO B 87 12.63 -26.00 -7.68
CA PRO B 87 11.52 -25.55 -8.55
C PRO B 87 10.82 -26.69 -9.29
N ASP B 88 11.58 -27.59 -9.89
CA ASP B 88 11.01 -28.74 -10.59
C ASP B 88 10.09 -29.54 -9.68
N ASP B 89 10.60 -29.86 -8.48
CA ASP B 89 9.84 -30.59 -7.48
C ASP B 89 8.57 -29.85 -7.02
N ASP B 90 8.70 -28.55 -6.79
CA ASP B 90 7.56 -27.73 -6.38
C ASP B 90 6.47 -27.80 -7.41
N LEU B 91 6.83 -27.54 -8.66
CA LEU B 91 5.86 -27.58 -9.75
C LEU B 91 5.16 -28.94 -9.88
N ALA B 92 5.92 -30.04 -9.72
CA ALA B 92 5.32 -31.38 -9.69
C ALA B 92 4.29 -31.58 -8.59
N GLN B 93 4.58 -31.08 -7.39
CA GLN B 93 3.60 -31.13 -6.31
C GLN B 93 2.33 -30.35 -6.63
N LEU B 94 2.51 -29.17 -7.22
CA LEU B 94 1.31 -28.39 -7.63
C LEU B 94 0.50 -29.08 -8.72
N ARG B 95 1.17 -29.65 -9.73
CA ARG B 95 0.51 -30.44 -10.78
C ARG B 95 -0.30 -31.56 -10.12
N ALA B 96 0.29 -32.23 -9.14
CA ALA B 96 -0.35 -33.35 -8.48
C ALA B 96 -1.56 -32.91 -7.66
N GLU B 97 -1.54 -31.65 -7.19
CA GLU B 97 -2.68 -31.06 -6.51
C GLU B 97 -3.78 -30.48 -7.41
N GLY B 98 -3.58 -30.46 -8.73
CA GLY B 98 -4.58 -29.89 -9.66
C GLY B 98 -4.61 -28.37 -9.68
N VAL B 99 -3.50 -27.75 -9.27
CA VAL B 99 -3.37 -26.29 -9.31
C VAL B 99 -3.17 -25.89 -10.76
N GLU B 100 -3.86 -24.84 -11.21
CA GLU B 100 -3.76 -24.44 -12.63
C GLU B 100 -2.80 -23.29 -12.92
N ILE B 101 -2.42 -22.52 -11.89
CA ILE B 101 -1.50 -21.40 -12.09
C ILE B 101 -0.37 -21.36 -11.03
N ALA B 102 0.86 -21.37 -11.50
CA ALA B 102 2.01 -21.08 -10.66
C ALA B 102 2.65 -19.76 -11.13
N PHE B 103 2.91 -18.85 -10.19
CA PHE B 103 3.48 -17.56 -10.54
C PHE B 103 4.91 -17.53 -9.96
N THR B 104 5.93 -17.50 -10.82
CA THR B 104 7.32 -17.71 -10.40
C THR B 104 8.21 -16.56 -10.88
N PRO B 105 8.03 -15.35 -10.30
CA PRO B 105 8.74 -14.18 -10.81
C PRO B 105 10.15 -14.14 -10.34
N THR B 106 10.98 -13.38 -11.05
CA THR B 106 12.31 -13.11 -10.57
C THR B 106 12.28 -11.91 -9.62
N THR B 107 13.33 -11.77 -8.82
CA THR B 107 13.50 -10.57 -7.98
C THR B 107 13.47 -9.29 -8.81
N ALA B 108 14.16 -9.30 -9.95
CA ALA B 108 14.20 -8.12 -10.78
C ALA B 108 12.81 -7.76 -11.34
N ALA B 109 11.98 -8.77 -11.61
CA ALA B 109 10.64 -8.54 -12.12
C ALA B 109 9.72 -7.96 -11.01
N MET B 110 9.94 -8.42 -9.80
CA MET B 110 9.17 -7.94 -8.64
C MET B 110 9.65 -6.57 -8.15
N TYR B 111 10.96 -6.34 -8.24
CA TYR B 111 11.53 -5.08 -7.79
C TYR B 111 12.34 -4.37 -8.90
N PRO B 112 11.67 -3.99 -10.03
CA PRO B 112 12.45 -3.45 -11.19
C PRO B 112 13.13 -2.13 -10.89
N ASP B 113 12.64 -1.42 -9.86
CA ASP B 113 13.20 -0.14 -9.46
C ASP B 113 13.86 -0.28 -8.11
N GLY B 114 14.19 -1.51 -7.72
CA GLY B 114 14.77 -1.76 -6.40
C GLY B 114 13.74 -1.54 -5.30
N LEU B 115 14.21 -1.35 -4.07
CA LEU B 115 13.30 -1.03 -2.95
C LEU B 115 13.10 0.47 -2.88
N ARG B 116 11.85 0.88 -3.09
CA ARG B 116 11.56 2.30 -3.13
C ARG B 116 10.34 2.56 -2.22
N THR B 117 9.13 2.54 -2.77
CA THR B 117 7.90 2.66 -1.93
C THR B 117 7.73 1.32 -1.19
N THR B 118 7.51 1.36 0.12
CA THR B 118 7.31 0.12 0.89
C THR B 118 6.16 0.28 1.87
N VAL B 119 5.75 -0.85 2.45
CA VAL B 119 4.70 -0.78 3.44
C VAL B 119 5.38 -0.71 4.80
N GLN B 120 4.88 0.20 5.62
CA GLN B 120 5.31 0.30 6.99
C GLN B 120 4.21 -0.30 7.91
N PRO B 121 4.49 -1.46 8.48
CA PRO B 121 3.48 -2.05 9.36
C PRO B 121 3.25 -1.24 10.62
N GLY B 122 2.14 -1.51 11.29
CA GLY B 122 1.90 -0.95 12.63
C GLY B 122 2.82 -1.57 13.68
N PRO B 123 2.69 -1.13 14.93
CA PRO B 123 3.60 -1.50 16.04
C PRO B 123 3.68 -3.00 16.34
N LEU B 124 2.65 -3.78 16.00
CA LEU B 124 2.69 -5.22 16.20
C LEU B 124 3.91 -5.83 15.50
N ALA B 125 4.37 -5.21 14.40
CA ALA B 125 5.51 -5.74 13.66
C ALA B 125 6.83 -5.74 14.43
N ALA B 126 6.91 -4.92 15.47
CA ALA B 126 8.13 -4.82 16.30
C ALA B 126 8.16 -5.85 17.42
N GLU B 127 7.03 -6.50 17.64
CA GLU B 127 6.89 -7.40 18.78
C GLU B 127 7.13 -8.85 18.36
N LEU B 128 7.29 -9.73 19.36
CA LEU B 128 7.33 -11.19 19.11
C LEU B 128 8.42 -11.49 18.07
N GLU B 129 8.07 -11.94 16.86
CA GLU B 129 9.07 -12.25 15.80
C GLU B 129 9.85 -11.02 15.34
N GLY B 130 9.25 -9.85 15.52
CA GLY B 130 9.91 -8.59 15.19
C GLY B 130 10.98 -8.12 16.18
N GLY B 131 11.13 -8.85 17.30
CA GLY B 131 12.26 -8.67 18.22
C GLY B 131 13.60 -8.87 17.50
N PRO B 132 13.93 -10.13 17.15
CA PRO B 132 15.12 -10.45 16.35
C PRO B 132 15.14 -9.89 14.92
N ARG B 133 13.98 -9.76 14.28
CA ARG B 133 13.95 -9.30 12.89
C ARG B 133 12.99 -8.14 12.74
N PRO B 134 13.42 -6.94 13.16
CA PRO B 134 12.54 -5.78 13.16
C PRO B 134 12.09 -5.24 11.79
N THR B 135 12.71 -5.68 10.69
CA THR B 135 12.24 -5.29 9.35
C THR B 135 11.57 -6.44 8.59
N HIS B 136 11.44 -7.60 9.24
CA HIS B 136 10.90 -8.78 8.56
C HIS B 136 9.47 -8.52 8.03
N PHE B 137 8.60 -8.02 8.90
CA PHE B 137 7.21 -7.85 8.49
C PHE B 137 6.95 -6.73 7.47
N ALA B 138 7.81 -5.71 7.46
CA ALA B 138 7.77 -4.71 6.39
C ALA B 138 7.97 -5.43 5.06
N GLY B 139 8.94 -6.35 5.02
CA GLY B 139 9.21 -7.09 3.79
C GLY B 139 7.99 -7.95 3.40
N VAL B 140 7.43 -8.66 4.38
CA VAL B 140 6.25 -9.48 4.15
C VAL B 140 5.06 -8.67 3.62
N LEU B 141 4.66 -7.63 4.34
CA LEU B 141 3.50 -6.85 3.92
C LEU B 141 3.73 -6.20 2.56
N THR B 142 4.96 -5.75 2.30
CA THR B 142 5.26 -5.14 0.98
C THR B 142 5.02 -6.16 -0.14
N VAL B 143 5.62 -7.34 0.00
CA VAL B 143 5.49 -8.34 -1.08
C VAL B 143 4.06 -8.88 -1.19
N VAL B 144 3.37 -9.01 -0.06
CA VAL B 144 1.97 -9.51 -0.13
C VAL B 144 1.09 -8.47 -0.80
N LEU B 145 1.30 -7.19 -0.47
CA LEU B 145 0.52 -6.13 -1.13
C LEU B 145 0.72 -6.20 -2.66
N LYS B 146 1.97 -6.29 -3.12
CA LYS B 146 2.29 -6.44 -4.53
C LYS B 146 1.59 -7.65 -5.17
N LEU B 147 1.70 -8.79 -4.52
CA LEU B 147 1.07 -10.00 -5.05
C LEU B 147 -0.42 -9.83 -5.16
N LEU B 148 -1.03 -9.21 -4.15
CA LEU B 148 -2.48 -8.92 -4.19
C LEU B 148 -2.86 -8.01 -5.36
N GLN B 149 -2.03 -7.01 -5.64
CA GLN B 149 -2.33 -6.09 -6.76
C GLN B 149 -2.11 -6.71 -8.13
N ILE B 150 -1.11 -7.59 -8.22
CA ILE B 150 -0.81 -8.32 -9.48
C ILE B 150 -1.91 -9.33 -9.80
N VAL B 151 -2.26 -10.15 -8.82
CA VAL B 151 -3.18 -11.30 -9.04
C VAL B 151 -4.64 -10.92 -8.86
N ARG B 152 -4.90 -9.94 -7.99
CA ARG B 152 -6.25 -9.48 -7.64
C ARG B 152 -7.18 -10.66 -7.31
N PRO B 153 -6.79 -11.48 -6.34
CA PRO B 153 -7.60 -12.63 -5.99
C PRO B 153 -8.85 -12.26 -5.21
N ASP B 154 -9.84 -13.16 -5.22
CA ASP B 154 -11.03 -13.00 -4.37
C ASP B 154 -10.72 -13.37 -2.96
N ARG B 155 -9.85 -14.37 -2.78
CA ARG B 155 -9.48 -14.78 -1.43
C ARG B 155 -7.98 -15.08 -1.43
N VAL B 156 -7.34 -14.81 -0.30
CA VAL B 156 -5.90 -15.09 -0.16
C VAL B 156 -5.69 -15.94 1.09
N PHE B 157 -4.80 -16.94 1.00
CA PHE B 157 -4.70 -17.98 2.02
C PHE B 157 -3.37 -17.90 2.74
N PHE B 158 -3.45 -17.96 4.06
CA PHE B 158 -2.24 -17.93 4.92
C PHE B 158 -2.33 -18.95 6.04
N GLY B 159 -1.20 -19.54 6.44
CA GLY B 159 -1.29 -20.55 7.51
C GLY B 159 -1.31 -19.96 8.89
N GLU B 160 -2.10 -20.57 9.80
CA GLU B 160 -2.00 -20.20 11.25
C GLU B 160 -0.64 -20.44 11.86
N LYS B 161 0.16 -21.29 11.20
CA LYS B 161 1.58 -21.53 11.56
C LYS B 161 2.31 -20.20 11.86
N ASP B 162 2.17 -19.26 10.92
CA ASP B 162 2.74 -17.92 11.10
C ASP B 162 1.62 -16.98 11.53
N TYR B 163 1.23 -17.13 12.78
CA TYR B 163 0.01 -16.44 13.26
C TYR B 163 0.19 -14.91 13.23
N GLN B 164 1.36 -14.44 13.63
CA GLN B 164 1.63 -13.03 13.69
C GLN B 164 1.59 -12.46 12.26
N GLN B 165 2.20 -13.18 11.32
CA GLN B 165 2.07 -12.82 9.91
C GLN B 165 0.60 -12.69 9.47
N LEU B 166 -0.18 -13.71 9.79
CA LEU B 166 -1.63 -13.71 9.44
C LEU B 166 -2.34 -12.46 10.00
N VAL B 167 -2.12 -12.16 11.27
CA VAL B 167 -2.77 -11.00 11.91
C VAL B 167 -2.33 -9.70 11.20
N LEU B 168 -1.04 -9.59 10.92
CA LEU B 168 -0.52 -8.42 10.22
C LEU B 168 -1.11 -8.25 8.85
N ILE B 169 -1.31 -9.39 8.16
CA ILE B 169 -2.01 -9.32 6.85
C ILE B 169 -3.46 -8.86 6.99
N ARG B 170 -4.15 -9.36 8.01
CA ARG B 170 -5.48 -8.75 8.28
C ARG B 170 -5.40 -7.25 8.55
N GLN B 171 -4.36 -6.76 9.26
CA GLN B 171 -4.20 -5.31 9.47
C GLN B 171 -3.99 -4.56 8.16
N LEU B 172 -3.08 -5.07 7.32
CA LEU B 172 -2.85 -4.56 5.95
C LEU B 172 -4.16 -4.40 5.19
N VAL B 173 -4.92 -5.49 5.09
CA VAL B 173 -6.18 -5.51 4.33
C VAL B 173 -7.20 -4.50 4.85
N ALA B 174 -7.37 -4.45 6.17
CA ALA B 174 -8.32 -3.49 6.75
C ALA B 174 -7.82 -2.04 6.53
N ASP B 175 -6.54 -1.83 6.78
CA ASP B 175 -6.00 -0.48 6.83
C ASP B 175 -5.90 0.16 5.46
N PHE B 176 -5.67 -0.68 4.44
CA PHE B 176 -5.56 -0.15 3.09
C PHE B 176 -6.83 -0.38 2.28
N ASN B 177 -7.93 -0.76 2.96
CA ASN B 177 -9.22 -0.97 2.29
C ASN B 177 -9.17 -1.98 1.15
N LEU B 178 -8.33 -3.01 1.30
CA LEU B 178 -8.18 -3.99 0.25
C LEU B 178 -9.42 -4.86 0.09
N ASP B 179 -9.78 -5.15 -1.16
CA ASP B 179 -11.00 -5.91 -1.48
C ASP B 179 -10.57 -7.38 -1.72
N VAL B 180 -10.21 -8.07 -0.67
CA VAL B 180 -9.85 -9.50 -0.71
C VAL B 180 -10.24 -10.04 0.67
N ALA B 181 -10.71 -11.28 0.71
CA ALA B 181 -10.99 -12.00 1.95
C ALA B 181 -9.71 -12.75 2.33
N VAL B 182 -9.30 -12.61 3.58
CA VAL B 182 -8.11 -13.31 4.09
C VAL B 182 -8.58 -14.55 4.78
N VAL B 183 -8.01 -15.71 4.41
CA VAL B 183 -8.46 -16.96 5.02
C VAL B 183 -7.30 -17.60 5.73
N GLY B 184 -7.48 -17.88 7.01
CA GLY B 184 -6.42 -18.51 7.83
C GLY B 184 -6.63 -20.02 7.78
N VAL B 185 -5.55 -20.78 7.62
CA VAL B 185 -5.67 -22.23 7.46
C VAL B 185 -4.95 -22.89 8.62
N PRO B 186 -5.61 -23.86 9.28
CA PRO B 186 -4.97 -24.48 10.47
C PRO B 186 -3.60 -25.11 10.20
N THR B 187 -2.77 -25.06 11.23
CA THR B 187 -1.41 -25.57 11.18
C THR B 187 -1.42 -27.08 10.95
N VAL B 188 -0.60 -27.50 9.99
CA VAL B 188 -0.38 -28.92 9.72
C VAL B 188 0.78 -29.37 10.59
N ARG B 189 0.62 -30.54 11.23
CA ARG B 189 1.60 -31.02 12.24
C ARG B 189 2.06 -32.43 11.93
N GLU B 190 3.32 -32.72 12.25
CA GLU B 190 3.84 -34.09 12.19
CA GLU B 190 3.82 -34.09 12.15
C GLU B 190 3.07 -34.96 13.18
N ALA B 191 3.26 -36.27 13.12
CA ALA B 191 2.48 -37.20 13.94
C ALA B 191 2.54 -36.92 15.44
N ASP B 192 3.67 -36.44 15.93
CA ASP B 192 3.78 -36.13 17.38
C ASP B 192 3.40 -34.72 17.78
N GLY B 193 2.90 -33.92 16.82
CA GLY B 193 2.47 -32.57 17.13
C GLY B 193 3.37 -31.47 16.61
N LEU B 194 4.62 -31.80 16.29
CA LEU B 194 5.55 -30.77 15.79
C LEU B 194 4.99 -30.08 14.55
N ALA B 195 4.87 -28.76 14.63
CA ALA B 195 4.37 -27.98 13.49
C ALA B 195 5.27 -28.20 12.27
N MET B 196 4.68 -28.49 11.10
CA MET B 196 5.55 -28.77 9.94
C MET B 196 6.31 -27.53 9.46
N SER B 197 7.57 -27.74 9.14
CA SER B 197 8.43 -26.67 8.72
C SER B 197 9.62 -27.32 8.00
N SER B 198 10.11 -26.60 6.98
CA SER B 198 11.33 -27.02 6.29
C SER B 198 12.53 -27.07 7.25
N ARG B 199 12.46 -26.32 8.34
CA ARG B 199 13.57 -26.30 9.30
C ARG B 199 13.68 -27.56 10.14
N ASN B 200 12.60 -28.35 10.21
CA ASN B 200 12.60 -29.50 11.09
C ASN B 200 13.69 -30.52 10.78
N ARG B 201 14.01 -30.67 9.50
CA ARG B 201 15.03 -31.62 9.04
C ARG B 201 16.44 -31.28 9.50
N TYR B 202 16.67 -30.03 9.92
CA TYR B 202 17.97 -29.61 10.46
C TYR B 202 18.25 -30.12 11.86
N LEU B 203 17.19 -30.52 12.55
CA LEU B 203 17.30 -30.97 13.94
C LEU B 203 17.94 -32.34 14.00
N ASP B 204 18.91 -32.48 14.87
CA ASP B 204 19.46 -33.80 15.13
C ASP B 204 18.49 -34.58 16.01
N PRO B 205 18.72 -35.90 16.15
CA PRO B 205 17.80 -36.73 16.91
C PRO B 205 17.39 -36.21 18.31
N ALA B 206 18.36 -35.74 19.09
CA ALA B 206 18.08 -35.22 20.42
C ALA B 206 17.27 -33.93 20.33
N GLN B 207 17.62 -33.09 19.36
CA GLN B 207 16.88 -31.85 19.13
C GLN B 207 15.47 -32.16 18.65
N ARG B 208 15.35 -33.11 17.72
CA ARG B 208 14.04 -33.42 17.20
C ARG B 208 13.10 -33.96 18.29
N ALA B 209 13.66 -34.75 19.21
CA ALA B 209 12.88 -35.29 20.32
C ALA B 209 12.50 -34.16 21.26
N ALA B 210 13.42 -33.25 21.52
CA ALA B 210 13.12 -32.12 22.44
C ALA B 210 12.09 -31.17 21.83
N ALA B 211 12.10 -31.05 20.49
CA ALA B 211 11.23 -30.09 19.78
C ALA B 211 9.73 -30.32 20.00
N VAL B 212 9.37 -31.55 20.39
CA VAL B 212 7.98 -31.92 20.69
CA VAL B 212 7.97 -31.90 20.68
C VAL B 212 7.42 -31.06 21.84
N ALA B 213 8.32 -30.53 22.68
CA ALA B 213 7.91 -29.69 23.85
C ALA B 213 7.15 -28.44 23.43
N LEU B 214 7.41 -27.89 22.24
CA LEU B 214 6.68 -26.68 21.87
C LEU B 214 5.19 -27.00 21.73
N SER B 215 4.86 -27.99 20.91
CA SER B 215 3.43 -28.31 20.73
C SER B 215 2.82 -28.91 21.98
N ALA B 216 3.58 -29.76 22.67
CA ALA B 216 3.09 -30.35 23.94
C ALA B 216 2.75 -29.28 24.98
N ALA B 217 3.60 -28.26 25.05
CA ALA B 217 3.45 -27.14 25.99
C ALA B 217 2.16 -26.36 25.65
N LEU B 218 1.92 -26.13 24.36
CA LEU B 218 0.75 -25.34 23.94
C LEU B 218 -0.55 -26.09 24.14
N THR B 219 -0.58 -27.35 23.78
CA THR B 219 -1.79 -28.15 23.96
CA THR B 219 -1.79 -28.14 23.96
C THR B 219 -2.10 -28.36 25.44
N ALA B 220 -1.05 -28.55 26.27
CA ALA B 220 -1.22 -28.65 27.72
C ALA B 220 -1.85 -27.34 28.24
N ALA B 221 -1.31 -26.22 27.76
CA ALA B 221 -1.85 -24.90 28.13
C ALA B 221 -3.32 -24.73 27.75
N ALA B 222 -3.70 -25.16 26.55
CA ALA B 222 -5.07 -24.98 26.04
C ALA B 222 -6.06 -25.72 26.92
N HIS B 223 -5.64 -26.87 27.45
CA HIS B 223 -6.50 -27.64 28.36
C HIS B 223 -6.42 -27.20 29.82
N ALA B 224 -5.27 -26.67 30.21
CA ALA B 224 -5.11 -26.14 31.56
C ALA B 224 -5.93 -24.84 31.73
N ALA B 225 -6.34 -24.25 30.61
CA ALA B 225 -7.00 -22.89 30.56
C ALA B 225 -8.36 -22.79 31.26
N THR B 226 -9.02 -23.93 31.45
CA THR B 226 -10.20 -23.97 32.35
C THR B 226 -9.90 -23.44 33.75
N ALA B 227 -8.62 -23.52 34.16
CA ALA B 227 -8.23 -23.06 35.47
C ALA B 227 -7.70 -21.60 35.44
N GLY B 228 -7.74 -20.99 34.25
CA GLY B 228 -7.41 -19.59 34.06
C GLY B 228 -6.10 -19.36 33.32
N ALA B 229 -5.84 -18.09 33.04
CA ALA B 229 -4.67 -17.69 32.22
C ALA B 229 -3.34 -18.06 32.82
N GLN B 230 -3.19 -17.85 34.12
CA GLN B 230 -1.93 -18.16 34.76
C GLN B 230 -1.68 -19.65 34.76
N ALA B 231 -2.73 -20.45 35.02
CA ALA B 231 -2.59 -21.92 34.95
C ALA B 231 -2.12 -22.37 33.56
N ALA B 232 -2.67 -21.75 32.53
CA ALA B 232 -2.35 -22.09 31.13
C ALA B 232 -0.87 -21.77 30.91
N LEU B 233 -0.44 -20.57 31.28
CA LEU B 233 0.98 -20.19 31.10
C LEU B 233 1.92 -21.06 31.92
N ASP B 234 1.58 -21.34 33.18
CA ASP B 234 2.46 -22.13 34.02
C ASP B 234 2.58 -23.54 33.49
N ALA B 235 1.47 -24.11 33.00
CA ALA B 235 1.48 -25.45 32.41
C ALA B 235 2.45 -25.47 31.19
N ALA B 236 2.34 -24.47 30.30
CA ALA B 236 3.22 -24.40 29.13
C ALA B 236 4.68 -24.28 29.53
N ARG B 237 4.97 -23.42 30.52
CA ARG B 237 6.38 -23.22 30.94
C ARG B 237 6.95 -24.52 31.52
N ALA B 238 6.14 -25.25 32.29
CA ALA B 238 6.59 -26.53 32.88
C ALA B 238 7.03 -27.54 31.80
N VAL B 239 6.21 -27.65 30.76
CA VAL B 239 6.51 -28.56 29.65
C VAL B 239 7.82 -28.15 28.95
N LEU B 240 7.97 -26.86 28.66
CA LEU B 240 9.23 -26.38 28.03
C LEU B 240 10.39 -26.59 28.99
N ASP B 241 10.18 -26.37 30.30
CA ASP B 241 11.21 -26.64 31.32
C ASP B 241 11.62 -28.10 31.44
N ALA B 242 10.80 -29.03 30.93
CA ALA B 242 11.15 -30.46 30.95
C ALA B 242 12.06 -30.87 29.77
N ALA B 243 12.35 -29.94 28.86
CA ALA B 243 13.09 -30.26 27.62
C ALA B 243 14.52 -29.74 27.71
N PRO B 244 15.51 -30.56 27.29
CA PRO B 244 16.88 -30.04 27.25
C PRO B 244 17.15 -29.32 25.92
N GLY B 245 18.05 -28.35 25.96
CA GLY B 245 18.51 -27.67 24.74
C GLY B 245 17.45 -26.85 23.99
N VAL B 246 16.44 -26.38 24.71
CA VAL B 246 15.37 -25.58 24.14
C VAL B 246 15.39 -24.18 24.76
N ALA B 247 15.94 -23.24 24.00
CA ALA B 247 16.16 -21.87 24.47
C ALA B 247 14.91 -21.06 24.11
N VAL B 248 14.06 -20.83 25.10
CA VAL B 248 12.80 -20.14 24.83
C VAL B 248 13.02 -18.64 24.58
N ASP B 249 12.59 -18.15 23.41
CA ASP B 249 12.74 -16.74 23.07
C ASP B 249 11.55 -15.94 23.63
N TYR B 250 10.36 -16.51 23.52
CA TYR B 250 9.19 -15.92 24.17
C TYR B 250 8.12 -16.97 24.32
N LEU B 251 7.21 -16.72 25.26
CA LEU B 251 6.02 -17.53 25.48
C LEU B 251 4.98 -16.50 25.95
N GLU B 252 4.01 -16.21 25.09
CA GLU B 252 3.12 -15.07 25.35
C GLU B 252 1.69 -15.40 25.05
N LEU B 253 0.81 -15.03 25.97
CA LEU B 253 -0.61 -15.16 25.76
C LEU B 253 -1.17 -13.79 25.39
N ARG B 254 -1.85 -13.71 24.25
CA ARG B 254 -2.41 -12.43 23.75
C ARG B 254 -3.84 -12.63 23.32
N ASP B 255 -4.55 -11.54 23.02
CA ASP B 255 -5.87 -11.75 22.47
CA ASP B 255 -5.86 -11.56 22.39
C ASP B 255 -5.70 -12.18 21.01
N ILE B 256 -6.80 -12.54 20.37
CA ILE B 256 -6.72 -13.14 19.03
C ILE B 256 -6.16 -12.18 17.96
N GLY B 257 -6.25 -10.86 18.20
CA GLY B 257 -5.60 -9.86 17.31
C GLY B 257 -4.22 -9.44 17.77
N LEU B 258 -3.68 -10.18 18.75
CA LEU B 258 -2.34 -10.01 19.35
C LEU B 258 -2.16 -8.74 20.17
N GLY B 259 -3.27 -8.13 20.54
CA GLY B 259 -3.25 -7.18 21.64
C GLY B 259 -3.17 -7.87 23.00
N PRO B 260 -3.25 -7.07 24.09
CA PRO B 260 -3.16 -7.71 25.40
C PRO B 260 -4.35 -8.62 25.67
N MET B 261 -4.08 -9.72 26.37
CA MET B 261 -5.09 -10.73 26.65
C MET B 261 -6.18 -10.16 27.55
N PRO B 262 -7.47 -10.36 27.18
CA PRO B 262 -8.56 -9.92 28.06
C PRO B 262 -8.66 -10.79 29.32
N LEU B 263 -9.47 -10.34 30.28
CA LEU B 263 -9.65 -11.08 31.53
C LEU B 263 -10.21 -12.50 31.30
N ASN B 264 -11.13 -12.61 30.34
CA ASN B 264 -11.61 -13.89 29.86
C ASN B 264 -11.92 -13.78 28.36
N GLY B 265 -12.22 -14.90 27.72
CA GLY B 265 -12.51 -14.88 26.29
C GLY B 265 -11.43 -15.60 25.49
N SER B 266 -11.37 -15.31 24.20
CA SER B 266 -10.52 -16.06 23.30
C SER B 266 -9.16 -15.41 23.23
N GLY B 267 -8.12 -16.22 23.14
CA GLY B 267 -6.77 -15.67 23.05
C GLY B 267 -5.92 -16.60 22.19
N ARG B 268 -4.63 -16.31 22.13
CA ARG B 268 -3.65 -17.13 21.36
C ARG B 268 -2.41 -17.20 22.23
N LEU B 269 -1.85 -18.40 22.39
CA LEU B 269 -0.56 -18.54 23.09
C LEU B 269 0.49 -18.84 22.01
N LEU B 270 1.58 -18.09 22.01
CA LEU B 270 2.59 -18.18 20.98
C LEU B 270 3.92 -18.46 21.67
N VAL B 271 4.70 -19.35 21.08
CA VAL B 271 6.03 -19.65 21.60
C VAL B 271 7.05 -19.63 20.44
N ALA B 272 8.29 -19.28 20.76
CA ALA B 272 9.38 -19.43 19.80
C ALA B 272 10.60 -19.89 20.61
N ALA B 273 11.42 -20.76 20.02
CA ALA B 273 12.56 -21.28 20.75
C ALA B 273 13.68 -21.62 19.80
N ARG B 274 14.90 -21.64 20.34
CA ARG B 274 16.09 -22.02 19.53
C ARG B 274 16.61 -23.35 20.02
N LEU B 275 16.79 -24.30 19.10
CA LEU B 275 17.40 -25.59 19.41
C LEU B 275 18.65 -25.60 18.57
N GLY B 276 19.81 -25.42 19.21
CA GLY B 276 21.06 -25.25 18.43
C GLY B 276 20.91 -23.98 17.61
N THR B 277 21.09 -24.07 16.29
CA THR B 277 20.96 -22.86 15.47
C THR B 277 19.59 -22.79 14.77
N THR B 278 18.70 -23.69 15.12
CA THR B 278 17.40 -23.76 14.44
C THR B 278 16.31 -23.13 15.29
N ARG B 279 15.64 -22.11 14.77
CA ARG B 279 14.54 -21.42 15.46
C ARG B 279 13.18 -21.98 15.03
N LEU B 280 12.39 -22.37 16.04
CA LEU B 280 11.12 -23.00 15.80
C LEU B 280 10.01 -22.13 16.41
N LEU B 281 8.84 -22.10 15.78
CA LEU B 281 7.69 -21.33 16.29
C LEU B 281 6.48 -22.24 16.41
N ASP B 282 5.60 -21.92 17.36
CA ASP B 282 4.29 -22.58 17.37
C ASP B 282 3.30 -21.66 18.04
N ASN B 283 2.01 -21.91 17.84
CA ASN B 283 0.97 -21.12 18.54
C ASN B 283 -0.33 -21.92 18.57
N ILE B 284 -1.22 -21.52 19.46
CA ILE B 284 -2.50 -22.23 19.62
C ILE B 284 -3.59 -21.33 20.13
N ALA B 285 -4.83 -21.64 19.73
CA ALA B 285 -6.03 -20.98 20.28
C ALA B 285 -6.13 -21.36 21.77
N ILE B 286 -6.50 -20.39 22.59
CA ILE B 286 -6.73 -20.58 24.03
C ILE B 286 -8.10 -19.96 24.38
N GLU B 287 -8.89 -20.63 25.21
CA GLU B 287 -10.16 -20.01 25.69
C GLU B 287 -10.01 -19.94 27.20
N ILE B 288 -10.07 -18.73 27.76
CA ILE B 288 -9.78 -18.56 29.19
C ILE B 288 -10.99 -18.77 30.10
N GLY B 289 -10.93 -19.89 30.85
CA GLY B 289 -12.03 -20.34 31.71
C GLY B 289 -12.91 -21.35 31.00
#